data_5SM9
#
_entry.id   5SM9
#
_cell.length_a   67.750
_cell.length_b   67.854
_cell.length_c   138.385
_cell.angle_alpha   90.000
_cell.angle_beta   90.000
_cell.angle_gamma   90.000
#
_symmetry.space_group_name_H-M   'P 21 21 21'
#
loop_
_entity.id
_entity.type
_entity.pdbx_description
1 polymer 'Proofreading exoribonuclease nsp14'
2 non-polymer 'ZINC ION'
3 non-polymer 'PHOSPHATE ION'
4 non-polymer "N-(2-methoxy-5-methylphenyl)-N'-4H-1,2,4-triazol-4-ylurea"
5 water water
#
_entity_poly.entity_id   1
_entity_poly.type   'polypeptide(L)'
_entity_poly.pdbx_seq_one_letter_code
;SMLFKDCSKVITGLHPTQAPTHLSVDTKFKTEGLCVDIPGIPKDMTYRRLISMMGFKMNYQVNGYPNMFITREEAIRHVR
AWIGFDVEGCHATREAVGTNLPLQLGFSTGVNLVAVPTGYVDTPNNTDFSRVSAKPPPGDQFKHLIPLMYKGLPWNVVRI
KIVQMLSDTLKNLSDRVVFVLWAHGFELTSMKYFVKIGPERTCCLCDRRATCFSTASDTYACWHHSIGFDYVYNPFMIDV
QQWGFTGNLQSNHDLYCQVHGNAHVASCDAIMTRCLAVHECFVKRVDWTIEYPIIGDELKINAACRKVQHMVVKAALLAD
KFPVLHDIGNPKAIKCVPQADVEWKFYDAQPCSDKAYKIEELFYSYATHSDKFTDGVCLFWNCNVDRYPANSIVCRFDTR
VLSNLNLPGCDGGSLYVNKHAFHTPAFDKSAFVNLKQLPFFYYSDSPCESHGKQVVSDIDYVPLKSATCITRCNLGGAVC
RHHANEYRLYLDAYNMMISAGFSLWVYKQFDTYNLWNTFTRLQ
;
_entity_poly.pdbx_strand_id   D
#
loop_
_chem_comp.id
_chem_comp.type
_chem_comp.name
_chem_comp.formula
PO4 non-polymer 'PHOSPHATE ION' 'O4 P -3'
VZS non-polymer N-(2-methoxy-5-methylphenyl)-N'-4H-1,2,4-triazol-4-ylurea 'C11 H13 N5 O2'
ZN non-polymer 'ZINC ION' 'Zn 2'
#
# COMPACT_ATOMS: atom_id res chain seq x y z
N PRO A 20 12.06 2.24 -25.66
CA PRO A 20 12.34 2.10 -24.24
C PRO A 20 11.15 1.62 -23.40
N THR A 21 10.62 0.43 -23.77
CA THR A 21 9.52 -0.16 -23.00
C THR A 21 10.11 -1.00 -21.87
N HIS A 22 11.01 -1.95 -22.21
CA HIS A 22 11.66 -2.85 -21.27
C HIS A 22 13.16 -2.51 -21.02
N LEU A 23 13.84 -3.23 -20.12
CA LEU A 23 15.25 -3.01 -19.86
C LEU A 23 16.05 -3.85 -20.86
N SER A 24 16.90 -3.21 -21.69
CA SER A 24 17.70 -3.93 -22.68
C SER A 24 18.62 -4.93 -21.99
N VAL A 25 18.69 -6.16 -22.48
CA VAL A 25 19.63 -7.13 -21.92
C VAL A 25 21.09 -6.67 -22.12
N ASP A 26 21.35 -5.80 -23.13
CA ASP A 26 22.69 -5.28 -23.36
C ASP A 26 23.05 -4.07 -22.48
N THR A 27 22.16 -3.68 -21.54
CA THR A 27 22.47 -2.60 -20.58
C THR A 27 23.57 -3.17 -19.64
N LYS A 28 24.47 -2.31 -19.16
CA LYS A 28 25.53 -2.74 -18.24
C LYS A 28 24.97 -2.96 -16.84
N PHE A 29 25.56 -3.94 -16.13
CA PHE A 29 25.22 -4.25 -14.76
C PHE A 29 26.52 -4.07 -13.96
N LYS A 30 26.52 -3.16 -12.95
CA LYS A 30 27.68 -2.89 -12.10
C LYS A 30 27.86 -4.13 -11.23
N THR A 31 29.05 -4.75 -11.25
CA THR A 31 29.28 -6.01 -10.54
C THR A 31 30.09 -5.91 -9.25
N GLU A 32 30.36 -4.70 -8.79
CA GLU A 32 31.12 -4.49 -7.55
C GLU A 32 30.43 -5.08 -6.30
N GLY A 33 29.11 -5.03 -6.24
CA GLY A 33 28.36 -5.63 -5.14
C GLY A 33 28.39 -7.15 -5.10
N LEU A 34 28.70 -7.77 -6.24
CA LEU A 34 28.75 -9.22 -6.46
C LEU A 34 30.14 -9.82 -6.20
N CYS A 35 31.20 -9.03 -6.15
CA CYS A 35 32.57 -9.56 -6.10
C CYS A 35 33.04 -10.16 -4.75
N VAL A 36 32.23 -10.16 -3.69
CA VAL A 36 32.67 -10.79 -2.42
C VAL A 36 32.20 -12.25 -2.48
N ASP A 37 30.95 -12.50 -2.90
CA ASP A 37 30.47 -13.87 -3.15
C ASP A 37 31.08 -14.44 -4.43
N ILE A 38 31.32 -13.59 -5.45
CA ILE A 38 31.89 -14.03 -6.72
C ILE A 38 33.20 -13.28 -7.03
N PRO A 39 34.31 -13.58 -6.32
CA PRO A 39 35.56 -12.88 -6.60
C PRO A 39 36.10 -13.22 -7.98
N GLY A 40 36.55 -12.18 -8.68
CA GLY A 40 37.04 -12.33 -10.04
C GLY A 40 36.01 -11.94 -11.09
N ILE A 41 34.77 -11.62 -10.69
CA ILE A 41 33.72 -11.22 -11.62
C ILE A 41 34.17 -10.04 -12.53
N PRO A 42 33.90 -10.11 -13.84
CA PRO A 42 34.28 -9.01 -14.72
C PRO A 42 33.57 -7.71 -14.34
N LYS A 43 34.32 -6.60 -14.37
CA LYS A 43 33.76 -5.27 -14.11
C LYS A 43 32.77 -4.90 -15.26
N ASP A 44 33.08 -5.34 -16.48
CA ASP A 44 32.28 -5.16 -17.67
C ASP A 44 31.34 -6.37 -17.74
N MET A 45 30.03 -6.11 -17.57
CA MET A 45 29.02 -7.15 -17.58
C MET A 45 27.71 -6.59 -18.10
N THR A 46 26.99 -7.32 -18.95
CA THR A 46 25.66 -6.91 -19.40
C THR A 46 24.63 -7.81 -18.72
N TYR A 47 23.34 -7.46 -18.78
CA TYR A 47 22.29 -8.30 -18.23
C TYR A 47 22.31 -9.69 -18.94
N ARG A 48 22.55 -9.69 -20.26
CA ARG A 48 22.63 -10.87 -21.10
C ARG A 48 23.66 -11.86 -20.56
N ARG A 49 24.87 -11.37 -20.23
CA ARG A 49 25.93 -12.22 -19.70
C ARG A 49 25.67 -12.69 -18.27
N LEU A 50 25.08 -11.81 -17.44
CA LEU A 50 24.70 -12.12 -16.06
C LEU A 50 23.66 -13.22 -16.06
N ILE A 51 22.60 -13.08 -16.88
CA ILE A 51 21.50 -14.07 -16.97
C ILE A 51 22.03 -15.44 -17.42
N SER A 52 22.95 -15.42 -18.38
CA SER A 52 23.64 -16.60 -18.86
C SER A 52 24.45 -17.27 -17.73
N MET A 53 25.19 -16.47 -16.94
CA MET A 53 25.96 -16.93 -15.79
C MET A 53 25.03 -17.54 -14.72
N MET A 54 23.81 -17.00 -14.57
CA MET A 54 22.83 -17.50 -13.61
C MET A 54 22.21 -18.87 -14.00
N GLY A 55 22.52 -19.36 -15.20
CA GLY A 55 22.04 -20.63 -15.73
C GLY A 55 20.78 -20.53 -16.54
N PHE A 56 20.42 -19.35 -17.03
CA PHE A 56 19.21 -19.17 -17.80
C PHE A 56 19.50 -18.95 -19.27
N LYS A 57 18.72 -19.58 -20.16
CA LYS A 57 18.93 -19.41 -21.60
C LYS A 57 17.76 -18.70 -22.25
N MET A 58 17.98 -17.44 -22.64
CA MET A 58 16.92 -16.66 -23.30
C MET A 58 16.75 -17.09 -24.79
N ASN A 59 17.78 -17.77 -25.39
CA ASN A 59 17.81 -18.34 -26.74
C ASN A 59 17.21 -17.48 -27.87
N TYR A 60 17.26 -16.14 -27.74
CA TYR A 60 16.67 -15.17 -28.67
C TYR A 60 15.16 -15.40 -28.75
N GLN A 61 14.44 -15.01 -27.69
CA GLN A 61 13.00 -15.22 -27.63
C GLN A 61 12.18 -13.91 -27.51
N VAL A 62 11.33 -13.68 -28.53
CA VAL A 62 10.45 -12.51 -28.60
C VAL A 62 9.05 -12.92 -28.15
N ASN A 63 8.92 -13.41 -26.90
CA ASN A 63 7.63 -13.89 -26.42
C ASN A 63 7.18 -13.27 -25.08
N GLY A 64 7.20 -11.94 -24.99
CA GLY A 64 6.75 -11.22 -23.81
C GLY A 64 7.65 -11.21 -22.59
N TYR A 65 8.77 -11.93 -22.63
CA TYR A 65 9.69 -11.98 -21.49
C TYR A 65 11.10 -11.59 -22.01
N PRO A 66 11.35 -10.31 -22.33
CA PRO A 66 12.67 -9.95 -22.92
C PRO A 66 13.84 -9.95 -21.95
N ASN A 67 13.58 -9.74 -20.67
CA ASN A 67 14.64 -9.68 -19.66
C ASN A 67 14.05 -10.13 -18.30
N MET A 68 14.83 -10.88 -17.49
CA MET A 68 14.41 -11.25 -16.13
C MET A 68 14.37 -9.99 -15.22
N PHE A 69 15.28 -9.05 -15.50
CA PHE A 69 15.46 -7.80 -14.81
C PHE A 69 14.61 -6.71 -15.46
N ILE A 70 14.08 -5.80 -14.64
CA ILE A 70 13.22 -4.73 -15.13
C ILE A 70 13.74 -3.36 -14.70
N THR A 71 13.27 -2.30 -15.39
CA THR A 71 13.60 -0.92 -15.07
C THR A 71 12.95 -0.52 -13.73
N ARG A 72 13.45 0.55 -13.11
CA ARG A 72 12.91 1.14 -11.91
C ARG A 72 11.46 1.58 -12.16
N GLU A 73 11.19 2.16 -13.36
CA GLU A 73 9.85 2.61 -13.76
C GLU A 73 8.88 1.42 -13.82
N GLU A 74 9.30 0.29 -14.43
CA GLU A 74 8.47 -0.91 -14.49
C GLU A 74 8.27 -1.47 -13.08
N ALA A 75 9.30 -1.40 -12.21
CA ALA A 75 9.18 -1.88 -10.84
C ALA A 75 8.11 -1.08 -10.08
N ILE A 76 8.09 0.26 -10.23
CA ILE A 76 7.12 1.13 -9.57
C ILE A 76 5.72 0.80 -10.04
N ARG A 77 5.53 0.60 -11.35
CA ARG A 77 4.23 0.19 -11.85
C ARG A 77 3.75 -1.15 -11.25
N HIS A 78 4.67 -2.00 -10.76
CA HIS A 78 4.32 -3.30 -10.21
C HIS A 78 4.72 -3.44 -8.76
N VAL A 79 4.61 -2.35 -7.98
CA VAL A 79 4.96 -2.35 -6.55
C VAL A 79 4.22 -3.46 -5.76
N ARG A 80 2.98 -3.79 -6.13
CA ARG A 80 2.22 -4.85 -5.44
C ARG A 80 2.87 -6.23 -5.52
N ALA A 81 3.73 -6.42 -6.55
CA ALA A 81 4.47 -7.65 -6.81
C ALA A 81 5.81 -7.72 -6.04
N TRP A 82 6.23 -6.65 -5.35
CA TRP A 82 7.54 -6.64 -4.69
C TRP A 82 7.66 -7.56 -3.51
N ILE A 83 8.70 -8.38 -3.57
CA ILE A 83 9.07 -9.33 -2.54
C ILE A 83 10.55 -9.21 -2.44
N GLY A 84 11.03 -8.71 -1.31
CA GLY A 84 12.44 -8.63 -1.03
C GLY A 84 12.99 -10.04 -0.90
N PHE A 85 14.21 -10.24 -1.37
CA PHE A 85 14.82 -11.55 -1.36
C PHE A 85 16.32 -11.44 -1.09
N ASP A 86 16.79 -12.18 -0.11
CA ASP A 86 18.18 -12.21 0.26
C ASP A 86 18.61 -13.65 0.50
N VAL A 87 19.87 -13.96 0.16
CA VAL A 87 20.42 -15.28 0.40
C VAL A 87 21.74 -15.11 1.14
N GLU A 88 21.87 -15.79 2.28
CA GLU A 88 23.09 -15.75 3.05
C GLU A 88 23.72 -17.15 3.14
N GLY A 89 25.03 -17.24 2.99
CA GLY A 89 25.73 -18.51 3.07
C GLY A 89 25.87 -18.98 4.51
N CYS A 90 25.10 -20.00 4.93
CA CYS A 90 25.18 -20.55 6.30
C CYS A 90 26.57 -21.14 6.56
N HIS A 91 27.15 -21.80 5.55
CA HIS A 91 28.48 -22.38 5.67
C HIS A 91 29.41 -21.86 4.56
N GLY A 98 26.88 -22.08 -1.84
CA GLY A 98 28.03 -22.09 -2.74
C GLY A 98 28.48 -23.50 -3.09
N THR A 99 27.61 -24.23 -3.85
CA THR A 99 27.76 -25.62 -4.31
C THR A 99 27.68 -26.64 -3.16
N ASN A 100 28.63 -26.55 -2.20
CA ASN A 100 28.74 -27.49 -1.08
C ASN A 100 28.18 -27.00 0.24
N LEU A 101 27.76 -25.72 0.34
CA LEU A 101 27.26 -25.19 1.61
C LEU A 101 25.76 -24.86 1.64
N PRO A 102 25.14 -24.99 2.82
CA PRO A 102 23.71 -24.64 2.93
C PRO A 102 23.45 -23.12 2.86
N LEU A 103 22.36 -22.73 2.20
CA LEU A 103 21.99 -21.33 2.04
C LEU A 103 20.74 -20.99 2.87
N GLN A 104 20.68 -19.78 3.41
CA GLN A 104 19.51 -19.32 4.12
C GLN A 104 18.84 -18.36 3.15
N LEU A 105 17.60 -18.68 2.77
CA LEU A 105 16.82 -17.89 1.83
C LEU A 105 15.87 -17.06 2.67
N GLY A 106 15.92 -15.75 2.55
CA GLY A 106 15.06 -14.87 3.32
C GLY A 106 14.19 -14.05 2.41
N PHE A 107 12.93 -13.84 2.81
CA PHE A 107 11.93 -13.10 2.05
C PHE A 107 11.34 -11.97 2.88
N SER A 108 10.88 -10.89 2.21
CA SER A 108 10.29 -9.78 2.94
C SER A 108 8.95 -10.17 3.65
N THR A 109 8.52 -11.45 3.54
CA THR A 109 7.37 -11.97 4.28
C THR A 109 7.79 -12.39 5.73
N GLY A 110 9.07 -12.29 6.06
CA GLY A 110 9.62 -12.72 7.34
C GLY A 110 10.07 -14.17 7.33
N VAL A 111 9.87 -14.89 6.22
CA VAL A 111 10.21 -16.30 6.10
C VAL A 111 11.71 -16.55 5.83
N ASN A 112 12.31 -17.50 6.56
CA ASN A 112 13.70 -17.92 6.33
C ASN A 112 13.68 -19.42 6.10
N LEU A 113 14.16 -19.86 4.93
CA LEU A 113 14.23 -21.27 4.61
C LEU A 113 15.69 -21.68 4.44
N VAL A 114 16.11 -22.81 5.02
CA VAL A 114 17.47 -23.29 4.83
C VAL A 114 17.47 -24.39 3.77
N ALA A 115 18.25 -24.19 2.69
CA ALA A 115 18.35 -25.16 1.62
C ALA A 115 19.70 -25.87 1.69
N VAL A 116 19.69 -27.19 1.85
CA VAL A 116 20.90 -27.99 1.88
C VAL A 116 21.12 -28.65 0.52
N PRO A 117 22.37 -28.72 0.05
CA PRO A 117 22.61 -29.27 -1.30
C PRO A 117 22.76 -30.79 -1.40
N THR A 118 22.52 -31.52 -0.29
CA THR A 118 22.65 -32.98 -0.20
C THR A 118 22.07 -33.75 -1.39
N PRO A 147 10.60 -13.28 10.95
CA PRO A 147 11.28 -14.04 12.01
C PRO A 147 10.99 -15.55 11.99
N LEU A 148 10.43 -16.08 10.88
CA LEU A 148 10.11 -17.50 10.80
C LEU A 148 11.26 -18.34 10.26
N MET A 149 12.11 -18.88 11.16
CA MET A 149 13.29 -19.70 10.84
C MET A 149 12.99 -21.21 10.67
N TYR A 150 13.23 -21.78 9.46
CA TYR A 150 12.99 -23.21 9.15
C TYR A 150 14.33 -23.98 8.99
N LYS A 151 14.35 -25.28 9.39
CA LYS A 151 15.56 -26.12 9.35
C LYS A 151 15.91 -26.67 7.96
N GLY A 152 17.22 -26.89 7.73
CA GLY A 152 17.83 -27.36 6.49
C GLY A 152 17.13 -28.49 5.75
N LEU A 153 16.69 -28.21 4.53
CA LEU A 153 15.96 -29.17 3.70
C LEU A 153 16.44 -29.10 2.26
N PRO A 154 16.41 -30.22 1.48
CA PRO A 154 16.87 -30.14 0.09
C PRO A 154 16.01 -29.26 -0.81
N TRP A 155 16.61 -28.73 -1.87
CA TRP A 155 15.94 -27.84 -2.83
C TRP A 155 14.61 -28.34 -3.39
N ASN A 156 14.49 -29.65 -3.62
CA ASN A 156 13.26 -30.22 -4.16
C ASN A 156 12.06 -29.99 -3.24
N VAL A 157 12.29 -29.85 -1.90
CA VAL A 157 11.18 -29.52 -1.01
C VAL A 157 11.13 -28.00 -0.77
N VAL A 158 12.28 -27.33 -0.67
CA VAL A 158 12.34 -25.89 -0.46
C VAL A 158 11.57 -25.13 -1.58
N ARG A 159 11.73 -25.56 -2.83
CA ARG A 159 11.07 -24.94 -3.97
C ARG A 159 9.54 -25.03 -3.90
N ILE A 160 8.97 -26.13 -3.33
CA ILE A 160 7.52 -26.30 -3.11
C ILE A 160 7.03 -25.22 -2.12
N LYS A 161 7.80 -24.99 -1.05
CA LYS A 161 7.44 -23.99 -0.02
C LYS A 161 7.48 -22.57 -0.60
N ILE A 162 8.49 -22.27 -1.44
CA ILE A 162 8.61 -20.96 -2.08
C ILE A 162 7.37 -20.62 -2.91
N VAL A 163 6.96 -21.53 -3.78
CA VAL A 163 5.76 -21.39 -4.63
C VAL A 163 4.50 -21.17 -3.77
N GLN A 164 4.30 -21.96 -2.70
CA GLN A 164 3.16 -21.78 -1.80
C GLN A 164 3.12 -20.38 -1.17
N MET A 165 4.27 -19.95 -0.61
CA MET A 165 4.39 -18.68 0.07
C MET A 165 4.14 -17.50 -0.87
N LEU A 166 4.77 -17.49 -2.04
CA LEU A 166 4.58 -16.40 -3.00
C LEU A 166 3.14 -16.40 -3.49
N SER A 167 2.56 -17.60 -3.73
CA SER A 167 1.18 -17.70 -4.16
C SER A 167 0.20 -17.13 -3.15
N ASP A 168 0.39 -17.43 -1.85
CA ASP A 168 -0.54 -16.93 -0.83
C ASP A 168 -0.40 -15.45 -0.60
N THR A 169 0.84 -14.94 -0.71
CA THR A 169 1.11 -13.54 -0.51
C THR A 169 0.60 -12.72 -1.68
N LEU A 170 0.77 -13.20 -2.92
CA LEU A 170 0.49 -12.38 -4.09
C LEU A 170 -0.78 -12.59 -4.86
N LYS A 171 -1.53 -13.68 -4.63
CA LYS A 171 -2.71 -13.97 -5.44
C LYS A 171 -3.74 -12.84 -5.52
N ASN A 172 -3.90 -12.04 -4.44
CA ASN A 172 -4.84 -10.94 -4.45
C ASN A 172 -4.16 -9.56 -4.66
N LEU A 173 -2.85 -9.54 -4.99
CA LEU A 173 -2.14 -8.29 -5.17
C LEU A 173 -1.71 -8.06 -6.59
N SER A 174 -1.19 -9.10 -7.23
CA SER A 174 -0.55 -8.92 -8.53
C SER A 174 -0.58 -10.14 -9.42
N ASP A 175 -0.39 -9.92 -10.72
CA ASP A 175 -0.28 -11.01 -11.69
C ASP A 175 1.18 -11.52 -11.81
N ARG A 176 2.10 -11.07 -10.95
CA ARG A 176 3.51 -11.47 -11.05
C ARG A 176 4.22 -11.30 -9.70
N VAL A 177 5.53 -11.60 -9.69
CA VAL A 177 6.44 -11.38 -8.58
C VAL A 177 7.60 -10.56 -9.12
N VAL A 178 8.09 -9.60 -8.30
CA VAL A 178 9.29 -8.79 -8.58
C VAL A 178 10.21 -9.00 -7.38
N PHE A 179 11.29 -9.76 -7.53
CA PHE A 179 12.24 -9.97 -6.45
C PHE A 179 13.09 -8.72 -6.35
N VAL A 180 13.05 -8.06 -5.18
CA VAL A 180 13.78 -6.84 -4.91
C VAL A 180 15.06 -7.29 -4.20
N LEU A 181 16.21 -7.03 -4.83
CA LEU A 181 17.49 -7.48 -4.34
C LEU A 181 18.46 -6.33 -3.97
N TRP A 182 19.42 -6.65 -3.09
CA TRP A 182 20.62 -5.87 -2.77
C TRP A 182 21.68 -6.95 -3.08
N ALA A 183 21.82 -7.23 -4.39
CA ALA A 183 22.55 -8.35 -4.92
C ALA A 183 24.03 -8.43 -4.57
N HIS A 184 24.39 -9.51 -3.88
CA HIS A 184 25.78 -9.78 -3.55
C HIS A 184 26.36 -11.02 -4.24
N GLY A 185 25.52 -11.85 -4.87
CA GLY A 185 25.99 -13.00 -5.63
C GLY A 185 25.17 -14.27 -5.44
N PHE A 186 25.08 -14.78 -4.19
CA PHE A 186 24.37 -16.01 -3.90
C PHE A 186 22.88 -16.01 -4.23
N GLU A 187 22.21 -14.85 -4.16
CA GLU A 187 20.78 -14.81 -4.46
C GLU A 187 20.55 -15.06 -5.96
N LEU A 188 21.44 -14.53 -6.81
CA LEU A 188 21.36 -14.69 -8.25
C LEU A 188 21.69 -16.12 -8.69
N THR A 189 22.75 -16.71 -8.12
CA THR A 189 23.17 -18.07 -8.45
C THR A 189 22.25 -19.15 -7.84
N SER A 190 21.38 -18.80 -6.89
CA SER A 190 20.45 -19.76 -6.31
C SER A 190 19.13 -19.82 -7.09
N MET A 191 18.84 -18.83 -7.95
CA MET A 191 17.58 -18.77 -8.68
C MET A 191 17.28 -19.98 -9.51
N LYS A 192 18.30 -20.52 -10.19
CA LYS A 192 18.19 -21.72 -11.02
C LYS A 192 17.59 -22.92 -10.27
N TYR A 193 17.68 -22.94 -8.93
CA TYR A 193 17.14 -24.04 -8.16
C TYR A 193 15.63 -23.98 -7.93
N PHE A 194 14.98 -22.84 -8.22
CA PHE A 194 13.53 -22.71 -8.01
C PHE A 194 12.80 -21.93 -9.08
N VAL A 195 13.51 -21.44 -10.09
CA VAL A 195 12.94 -20.64 -11.16
C VAL A 195 13.08 -21.33 -12.51
N LYS A 196 12.00 -21.32 -13.32
CA LYS A 196 12.06 -21.75 -14.71
C LYS A 196 11.60 -20.54 -15.56
N ILE A 197 12.20 -20.37 -16.74
CA ILE A 197 11.81 -19.29 -17.65
C ILE A 197 11.41 -19.83 -19.04
N GLY A 198 10.73 -19.00 -19.81
CA GLY A 198 10.31 -19.34 -21.15
C GLY A 198 9.37 -18.28 -21.67
N PRO A 199 8.59 -18.63 -22.69
CA PRO A 199 7.62 -17.66 -23.22
C PRO A 199 6.48 -17.37 -22.24
N GLU A 200 5.82 -16.22 -22.43
CA GLU A 200 4.67 -15.87 -21.60
C GLU A 200 3.54 -16.85 -21.86
N ARG A 201 2.95 -17.35 -20.77
CA ARG A 201 1.92 -18.36 -20.83
C ARG A 201 0.69 -18.01 -20.00
N THR A 202 -0.41 -18.76 -20.21
CA THR A 202 -1.61 -18.58 -19.40
C THR A 202 -1.79 -19.75 -18.44
N CYS A 203 -2.59 -19.56 -17.41
CA CYS A 203 -2.88 -20.59 -16.42
C CYS A 203 -3.66 -21.75 -17.06
N CYS A 204 -3.43 -22.97 -16.57
CA CYS A 204 -4.14 -24.15 -17.07
C CYS A 204 -5.60 -24.18 -16.61
N LEU A 205 -5.97 -23.43 -15.57
CA LEU A 205 -7.34 -23.40 -15.07
C LEU A 205 -8.06 -22.08 -15.34
N CYS A 206 -7.34 -21.01 -15.72
CA CYS A 206 -7.96 -19.71 -15.98
C CYS A 206 -7.21 -18.86 -17.05
N ASP A 207 -7.67 -17.62 -17.30
CA ASP A 207 -7.11 -16.69 -18.28
C ASP A 207 -5.96 -15.83 -17.75
N ARG A 208 -5.62 -15.93 -16.47
CA ARG A 208 -4.52 -15.14 -15.90
C ARG A 208 -3.17 -15.64 -16.40
N ARG A 209 -2.14 -14.77 -16.40
CA ARG A 209 -0.81 -15.19 -16.81
C ARG A 209 -0.23 -16.20 -15.81
N ALA A 210 0.60 -17.09 -16.31
CA ALA A 210 1.27 -18.14 -15.55
C ALA A 210 2.41 -17.57 -14.72
N THR A 211 2.40 -17.89 -13.44
CA THR A 211 3.46 -17.47 -12.51
C THR A 211 4.22 -18.67 -11.91
N CYS A 212 3.71 -19.89 -12.12
CA CYS A 212 4.24 -21.13 -11.57
C CYS A 212 4.25 -22.23 -12.63
N PHE A 213 5.10 -23.22 -12.43
CA PHE A 213 5.19 -24.37 -13.30
C PHE A 213 5.28 -25.62 -12.43
N SER A 214 4.70 -26.73 -12.90
CA SER A 214 4.79 -27.99 -12.19
C SER A 214 5.53 -29.02 -13.03
N THR A 215 6.62 -29.60 -12.49
CA THR A 215 7.36 -30.68 -13.18
C THR A 215 6.59 -32.00 -13.05
N ALA A 216 5.70 -32.15 -12.05
CA ALA A 216 4.92 -33.35 -11.87
C ALA A 216 3.91 -33.51 -13.00
N SER A 217 3.18 -32.45 -13.35
CA SER A 217 2.14 -32.51 -14.38
C SER A 217 2.50 -31.86 -15.72
N ASP A 218 3.64 -31.15 -15.81
CA ASP A 218 4.05 -30.43 -17.03
C ASP A 218 3.07 -29.32 -17.41
N THR A 219 2.52 -28.62 -16.41
CA THR A 219 1.52 -27.58 -16.63
C THR A 219 1.89 -26.26 -15.92
N TYR A 220 1.16 -25.18 -16.26
CA TYR A 220 1.41 -23.84 -15.74
C TYR A 220 0.21 -23.30 -14.98
N ALA A 221 0.45 -22.50 -13.95
CA ALA A 221 -0.62 -21.92 -13.16
C ALA A 221 -0.36 -20.50 -12.75
N CYS A 222 -1.42 -19.75 -12.45
CA CYS A 222 -1.32 -18.43 -11.88
C CYS A 222 -1.15 -18.58 -10.32
N TRP A 223 -1.15 -17.46 -9.54
CA TRP A 223 -0.99 -17.56 -8.09
C TRP A 223 -2.21 -18.24 -7.43
N HIS A 224 -3.40 -18.18 -8.07
CA HIS A 224 -4.61 -18.78 -7.49
C HIS A 224 -4.74 -20.29 -7.67
N HIS A 225 -4.07 -20.86 -8.69
CA HIS A 225 -4.24 -22.28 -9.06
C HIS A 225 -2.99 -23.13 -8.99
N SER A 226 -2.01 -22.68 -8.22
CA SER A 226 -0.71 -23.30 -8.13
C SER A 226 -0.47 -24.31 -7.02
N ILE A 227 -1.51 -24.81 -6.34
CA ILE A 227 -1.32 -25.79 -5.26
C ILE A 227 -0.58 -27.05 -5.77
N GLY A 228 0.52 -27.38 -5.11
CA GLY A 228 1.34 -28.50 -5.54
C GLY A 228 2.37 -28.17 -6.60
N PHE A 229 2.42 -26.91 -7.09
CA PHE A 229 3.40 -26.53 -8.12
C PHE A 229 4.79 -26.33 -7.48
N ASP A 230 5.87 -26.67 -8.21
CA ASP A 230 7.20 -26.63 -7.62
C ASP A 230 8.16 -25.56 -8.15
N TYR A 231 7.85 -24.86 -9.25
CA TYR A 231 8.75 -23.84 -9.78
C TYR A 231 8.10 -22.49 -9.96
N VAL A 232 8.88 -21.42 -9.74
CA VAL A 232 8.44 -20.07 -10.00
C VAL A 232 8.72 -19.85 -11.48
N TYR A 233 7.71 -19.45 -12.22
CA TYR A 233 7.81 -19.29 -13.65
C TYR A 233 7.80 -17.83 -14.06
N ASN A 234 8.78 -17.44 -14.90
CA ASN A 234 8.95 -16.09 -15.44
C ASN A 234 8.84 -14.98 -14.38
N PRO A 235 9.60 -15.07 -13.26
CA PRO A 235 9.57 -13.98 -12.29
C PRO A 235 10.34 -12.77 -12.82
N PHE A 236 10.22 -11.64 -12.12
CA PHE A 236 11.01 -10.44 -12.47
C PHE A 236 11.85 -10.07 -11.27
N MET A 237 12.85 -9.24 -11.49
CA MET A 237 13.77 -8.84 -10.43
C MET A 237 14.42 -7.52 -10.74
N ILE A 238 14.84 -6.85 -9.68
CA ILE A 238 15.50 -5.56 -9.77
C ILE A 238 16.57 -5.51 -8.69
N ASP A 239 17.76 -5.01 -9.05
CA ASP A 239 18.84 -4.89 -8.09
C ASP A 239 18.96 -3.44 -7.66
N VAL A 240 18.57 -3.16 -6.39
CA VAL A 240 18.59 -1.85 -5.74
C VAL A 240 19.98 -1.23 -5.80
N GLN A 241 21.04 -2.04 -5.69
CA GLN A 241 22.41 -1.54 -5.78
C GLN A 241 22.70 -0.88 -7.12
N GLN A 242 21.99 -1.25 -8.20
CA GLN A 242 22.20 -0.61 -9.51
C GLN A 242 21.85 0.88 -9.55
N TRP A 243 21.13 1.37 -8.55
CA TRP A 243 20.64 2.74 -8.49
C TRP A 243 21.71 3.77 -8.05
N GLY A 244 22.87 3.33 -7.60
CA GLY A 244 23.96 4.24 -7.26
C GLY A 244 24.03 4.62 -5.80
N PHE A 245 24.35 3.66 -4.93
CA PHE A 245 24.45 3.93 -3.50
C PHE A 245 25.89 3.83 -2.99
N THR A 246 26.21 4.55 -1.91
CA THR A 246 27.51 4.45 -1.27
C THR A 246 27.28 3.70 0.04
N GLY A 247 28.09 2.67 0.30
CA GLY A 247 27.96 1.90 1.53
C GLY A 247 26.98 0.74 1.43
N ASN A 248 26.97 -0.09 2.49
CA ASN A 248 26.17 -1.30 2.56
C ASN A 248 24.65 -1.03 2.71
N LEU A 249 23.84 -2.11 2.65
CA LEU A 249 22.39 -2.05 2.81
C LEU A 249 21.99 -1.40 4.13
N GLN A 250 22.50 -1.90 5.27
CA GLN A 250 22.08 -1.36 6.57
C GLN A 250 22.34 0.14 6.71
N SER A 251 23.51 0.63 6.25
CA SER A 251 23.80 2.06 6.37
C SER A 251 22.82 2.92 5.57
N ASN A 252 22.43 2.50 4.37
CA ASN A 252 21.46 3.28 3.57
C ASN A 252 20.03 3.16 4.11
N HIS A 253 19.63 1.95 4.54
CA HIS A 253 18.29 1.74 5.06
C HIS A 253 18.09 2.54 6.36
N ASP A 254 19.04 2.43 7.31
CA ASP A 254 18.93 3.10 8.60
C ASP A 254 18.88 4.62 8.53
N LEU A 255 19.34 5.22 7.42
CA LEU A 255 19.24 6.66 7.22
C LEU A 255 17.78 7.14 7.21
N TYR A 256 16.86 6.26 6.76
CA TYR A 256 15.43 6.57 6.57
C TYR A 256 14.46 5.82 7.44
N CYS A 257 14.89 4.74 8.11
CA CYS A 257 13.97 3.90 8.86
C CYS A 257 14.57 3.32 10.13
N GLN A 258 13.80 3.41 11.22
CA GLN A 258 14.17 2.89 12.54
C GLN A 258 13.26 1.73 12.99
N VAL A 259 12.30 1.31 12.16
CA VAL A 259 11.38 0.24 12.50
C VAL A 259 11.93 -1.16 12.14
N HIS A 260 12.75 -1.27 11.08
CA HIS A 260 13.34 -2.55 10.71
C HIS A 260 14.76 -2.67 11.23
N GLY A 261 14.94 -3.53 12.21
CA GLY A 261 16.27 -3.79 12.76
C GLY A 261 17.00 -4.85 11.97
N ASN A 262 18.28 -5.08 12.29
CA ASN A 262 19.03 -6.13 11.63
C ASN A 262 19.27 -7.28 12.57
N ALA A 263 18.32 -8.23 12.66
CA ALA A 263 18.50 -9.39 13.53
C ALA A 263 19.49 -10.42 12.96
N HIS A 264 20.27 -10.04 11.92
CA HIS A 264 21.31 -10.82 11.25
C HIS A 264 20.81 -12.13 10.57
N VAL A 265 19.58 -12.11 10.05
CA VAL A 265 19.06 -13.20 9.24
C VAL A 265 18.69 -12.66 7.86
N ALA A 266 18.69 -13.54 6.86
CA ALA A 266 18.36 -13.22 5.49
C ALA A 266 17.03 -12.46 5.32
N SER A 267 15.99 -12.80 6.10
CA SER A 267 14.70 -12.10 6.00
C SER A 267 14.78 -10.64 6.48
N CYS A 268 15.68 -10.31 7.43
CA CYS A 268 15.86 -8.93 7.87
C CYS A 268 16.42 -8.08 6.72
N ASP A 269 17.40 -8.64 5.98
CA ASP A 269 18.00 -7.99 4.84
C ASP A 269 16.96 -7.86 3.70
N ALA A 270 16.12 -8.90 3.51
CA ALA A 270 15.07 -8.88 2.50
C ALA A 270 14.06 -7.76 2.78
N ILE A 271 13.69 -7.60 4.07
CA ILE A 271 12.77 -6.55 4.51
C ILE A 271 13.38 -5.16 4.31
N MET A 272 14.62 -4.96 4.77
CA MET A 272 15.35 -3.69 4.64
C MET A 272 15.49 -3.28 3.19
N THR A 273 15.78 -4.27 2.28
CA THR A 273 15.94 -4.06 0.84
C THR A 273 14.65 -3.51 0.23
N ARG A 274 13.51 -4.19 0.48
CA ARG A 274 12.22 -3.73 -0.02
C ARG A 274 11.86 -2.35 0.61
N CYS A 275 12.13 -2.15 1.92
CA CYS A 275 11.89 -0.86 2.59
C CYS A 275 12.65 0.28 1.90
N LEU A 276 13.97 0.10 1.66
CA LEU A 276 14.80 1.12 1.04
C LEU A 276 14.29 1.42 -0.37
N ALA A 277 13.88 0.38 -1.12
CA ALA A 277 13.34 0.52 -2.47
C ALA A 277 12.05 1.39 -2.43
N VAL A 278 11.14 1.10 -1.48
CA VAL A 278 9.89 1.86 -1.30
C VAL A 278 10.21 3.31 -0.95
N HIS A 279 11.21 3.55 -0.06
CA HIS A 279 11.62 4.90 0.28
C HIS A 279 12.06 5.69 -0.96
N GLU A 280 12.90 5.07 -1.79
CA GLU A 280 13.43 5.70 -3.00
C GLU A 280 12.39 5.96 -4.06
N CYS A 281 11.39 5.10 -4.14
CA CYS A 281 10.40 5.18 -5.21
C CYS A 281 9.08 5.84 -4.82
N PHE A 282 8.79 5.94 -3.51
CA PHE A 282 7.49 6.47 -3.07
C PHE A 282 7.54 7.49 -1.97
N VAL A 283 8.68 7.61 -1.27
CA VAL A 283 8.79 8.56 -0.18
C VAL A 283 9.48 9.85 -0.65
N LYS A 284 10.76 9.76 -1.07
CA LYS A 284 11.54 10.91 -1.54
C LYS A 284 11.11 11.38 -2.92
N ARG A 285 10.73 10.42 -3.79
CA ARG A 285 10.26 10.65 -5.16
C ARG A 285 8.79 10.20 -5.19
N VAL A 286 7.87 11.03 -5.69
CA VAL A 286 6.45 10.67 -5.73
C VAL A 286 5.90 10.82 -7.15
N ASP A 287 5.11 9.83 -7.62
CA ASP A 287 4.51 9.93 -8.94
C ASP A 287 3.01 9.70 -8.91
N TRP A 288 2.22 10.78 -9.06
CA TRP A 288 0.77 10.65 -9.10
C TRP A 288 0.21 10.50 -10.54
N THR A 289 1.08 10.34 -11.55
CA THR A 289 0.63 10.07 -12.92
C THR A 289 0.45 8.55 -13.17
N ILE A 290 0.97 7.70 -12.26
CA ILE A 290 0.89 6.25 -12.36
C ILE A 290 -0.38 5.74 -11.74
N GLU A 291 -1.15 5.05 -12.57
CA GLU A 291 -2.40 4.40 -12.25
C GLU A 291 -2.12 2.93 -11.93
N TYR A 292 -2.91 2.35 -11.04
CA TYR A 292 -2.76 0.94 -10.65
C TYR A 292 -4.09 0.23 -10.86
N PRO A 293 -4.07 -1.04 -11.32
CA PRO A 293 -5.34 -1.76 -11.55
C PRO A 293 -6.23 -1.94 -10.32
N ILE A 294 -7.51 -2.25 -10.55
CA ILE A 294 -8.47 -2.48 -9.48
C ILE A 294 -8.35 -3.93 -9.01
N ILE A 295 -7.97 -4.15 -7.77
CA ILE A 295 -7.82 -5.50 -7.22
C ILE A 295 -8.81 -5.85 -6.09
N GLY A 296 -9.62 -4.86 -5.66
CA GLY A 296 -10.55 -5.05 -4.56
C GLY A 296 -11.68 -4.05 -4.51
N ASP A 297 -11.93 -3.49 -3.32
CA ASP A 297 -13.04 -2.57 -3.11
C ASP A 297 -12.69 -1.11 -3.33
N GLU A 298 -11.70 -0.80 -4.19
CA GLU A 298 -11.30 0.58 -4.50
C GLU A 298 -12.48 1.51 -4.79
N LEU A 299 -13.33 1.16 -5.75
CA LEU A 299 -14.45 2.01 -6.14
C LEU A 299 -15.44 2.26 -5.02
N LYS A 300 -15.79 1.19 -4.27
CA LYS A 300 -16.75 1.29 -3.18
C LYS A 300 -16.20 2.14 -2.04
N ILE A 301 -14.91 1.98 -1.71
CA ILE A 301 -14.21 2.70 -0.65
C ILE A 301 -14.15 4.19 -0.98
N ASN A 302 -13.82 4.53 -2.22
CA ASN A 302 -13.72 5.94 -2.63
C ASN A 302 -15.10 6.62 -2.63
N ALA A 303 -16.13 5.88 -3.02
CA ALA A 303 -17.49 6.37 -3.03
C ALA A 303 -18.00 6.57 -1.58
N ALA A 304 -17.63 5.65 -0.68
CA ALA A 304 -17.99 5.71 0.73
C ALA A 304 -17.32 6.93 1.36
N CYS A 305 -16.07 7.17 1.04
CA CYS A 305 -15.28 8.30 1.49
C CYS A 305 -15.95 9.61 1.15
N ARG A 306 -16.44 9.77 -0.10
CA ARG A 306 -17.15 10.97 -0.52
C ARG A 306 -18.52 11.10 0.19
N LYS A 307 -19.19 9.96 0.50
CA LYS A 307 -20.46 10.02 1.21
C LYS A 307 -20.25 10.46 2.65
N VAL A 308 -19.28 9.85 3.36
CA VAL A 308 -18.99 10.14 4.76
C VAL A 308 -18.57 11.56 4.94
N GLN A 309 -17.72 12.07 4.06
CA GLN A 309 -17.24 13.44 4.12
C GLN A 309 -18.38 14.44 4.02
N HIS A 310 -19.26 14.26 3.03
CA HIS A 310 -20.41 15.14 2.86
C HIS A 310 -21.32 15.09 4.12
N MET A 311 -21.56 13.89 4.65
CA MET A 311 -22.42 13.70 5.81
C MET A 311 -21.85 14.40 7.05
N VAL A 312 -20.57 14.13 7.37
CA VAL A 312 -19.98 14.63 8.59
C VAL A 312 -19.83 16.14 8.58
N VAL A 313 -19.36 16.70 7.47
CA VAL A 313 -19.12 18.12 7.37
C VAL A 313 -20.44 18.87 7.38
N LYS A 314 -21.44 18.37 6.66
CA LYS A 314 -22.77 18.98 6.62
C LYS A 314 -23.39 19.06 8.04
N ALA A 315 -23.28 17.96 8.80
CA ALA A 315 -23.80 17.89 10.16
C ALA A 315 -23.01 18.72 11.13
N ALA A 316 -21.69 18.91 10.92
CA ALA A 316 -20.90 19.76 11.80
C ALA A 316 -21.32 21.24 11.59
N LEU A 317 -21.56 21.61 10.33
CA LEU A 317 -22.01 22.94 9.98
C LEU A 317 -23.42 23.21 10.54
N LEU A 318 -24.32 22.21 10.55
CA LEU A 318 -25.67 22.40 11.08
C LEU A 318 -25.72 22.43 12.61
N ALA A 319 -24.90 21.58 13.26
CA ALA A 319 -24.86 21.49 14.72
C ALA A 319 -24.24 22.72 15.38
N ASP A 320 -23.11 23.22 14.84
CA ASP A 320 -22.39 24.31 15.48
C ASP A 320 -22.35 25.61 14.68
N LYS A 321 -23.03 25.68 13.53
CA LYS A 321 -23.15 26.88 12.69
C LYS A 321 -21.86 27.70 12.56
N PHE A 322 -20.74 27.06 12.17
CA PHE A 322 -19.48 27.79 12.00
C PHE A 322 -19.62 28.81 10.89
N PRO A 323 -19.06 30.02 11.05
CA PRO A 323 -19.16 31.01 9.96
C PRO A 323 -18.13 30.79 8.85
N VAL A 324 -16.99 30.13 9.17
CA VAL A 324 -15.92 29.90 8.19
C VAL A 324 -15.37 28.46 8.33
N LEU A 325 -15.01 27.83 7.21
CA LEU A 325 -14.42 26.51 7.22
C LEU A 325 -13.09 26.59 6.47
N HIS A 326 -11.99 26.15 7.12
CA HIS A 326 -10.65 26.13 6.53
C HIS A 326 -10.36 24.71 6.06
N ASP A 327 -10.47 24.47 4.75
CA ASP A 327 -10.27 23.18 4.11
C ASP A 327 -8.80 23.05 3.73
N ILE A 328 -8.02 22.39 4.58
CA ILE A 328 -6.59 22.22 4.34
C ILE A 328 -6.32 20.85 3.78
N GLY A 329 -5.79 20.80 2.56
CA GLY A 329 -5.49 19.52 1.93
C GLY A 329 -5.41 19.61 0.43
N ASN A 330 -5.81 18.54 -0.25
CA ASN A 330 -5.74 18.43 -1.71
C ASN A 330 -5.97 19.73 -2.50
N PRO A 331 -4.96 20.15 -3.30
CA PRO A 331 -5.11 21.40 -4.08
C PRO A 331 -6.25 21.37 -5.12
N LYS A 332 -6.73 20.18 -5.48
CA LYS A 332 -7.83 20.04 -6.43
C LYS A 332 -9.18 19.83 -5.72
N ALA A 333 -9.27 20.08 -4.38
CA ALA A 333 -10.51 19.88 -3.62
C ALA A 333 -11.63 20.80 -4.03
N ILE A 334 -12.84 20.24 -3.95
CA ILE A 334 -14.13 20.85 -4.25
C ILE A 334 -14.90 20.89 -2.91
N LYS A 335 -15.83 21.85 -2.72
CA LYS A 335 -16.65 21.93 -1.50
C LYS A 335 -17.45 20.63 -1.36
N CYS A 336 -17.27 19.91 -0.23
CA CYS A 336 -18.00 18.66 -0.04
C CYS A 336 -19.48 18.88 0.29
N VAL A 337 -19.84 20.10 0.74
CA VAL A 337 -21.21 20.52 1.08
C VAL A 337 -21.50 21.84 0.29
N PRO A 338 -21.73 21.75 -1.05
CA PRO A 338 -21.95 22.96 -1.85
C PRO A 338 -23.11 23.89 -1.44
N GLN A 339 -24.14 23.36 -0.79
CA GLN A 339 -25.28 24.17 -0.37
C GLN A 339 -25.15 24.79 1.02
N ALA A 340 -23.97 24.69 1.67
CA ALA A 340 -23.79 25.24 3.01
C ALA A 340 -23.59 26.76 3.00
N ASP A 341 -24.05 27.44 4.07
CA ASP A 341 -23.94 28.89 4.15
C ASP A 341 -22.49 29.38 4.26
N VAL A 342 -21.72 28.73 5.12
CA VAL A 342 -20.31 28.93 5.50
C VAL A 342 -19.36 29.57 4.41
N GLU A 343 -18.39 30.34 4.90
CA GLU A 343 -17.37 30.93 4.04
C GLU A 343 -16.34 29.82 3.85
N TRP A 344 -16.28 29.22 2.68
CA TRP A 344 -15.35 28.11 2.41
C TRP A 344 -13.97 28.62 1.94
N LYS A 345 -12.91 28.37 2.73
CA LYS A 345 -11.55 28.81 2.37
C LYS A 345 -10.66 27.58 2.20
N PHE A 346 -10.00 27.45 1.03
CA PHE A 346 -9.13 26.32 0.66
C PHE A 346 -7.63 26.67 0.82
N TYR A 347 -6.84 25.72 1.27
CA TYR A 347 -5.40 25.83 1.47
C TYR A 347 -4.83 24.55 0.89
N ASP A 348 -3.82 24.66 0.02
CA ASP A 348 -3.27 23.52 -0.69
C ASP A 348 -2.12 22.86 0.02
N ALA A 349 -2.24 21.57 0.19
CA ALA A 349 -1.17 20.74 0.72
C ALA A 349 -1.36 19.37 0.13
N GLN A 350 -0.41 18.92 -0.66
CA GLN A 350 -0.42 17.59 -1.24
C GLN A 350 -0.28 16.56 -0.12
N PRO A 351 -0.64 15.28 -0.36
CA PRO A 351 -0.47 14.27 0.69
C PRO A 351 0.99 14.17 1.14
N CYS A 352 1.26 14.16 2.46
CA CYS A 352 2.65 14.03 2.92
C CYS A 352 3.02 12.55 2.83
N SER A 353 4.18 12.24 2.25
CA SER A 353 4.58 10.84 2.10
C SER A 353 5.76 10.43 2.97
N ASP A 354 6.40 11.37 3.66
CA ASP A 354 7.57 11.08 4.46
C ASP A 354 7.14 11.25 5.94
N LYS A 355 7.28 12.43 6.53
CA LYS A 355 6.81 12.67 7.89
C LYS A 355 5.49 13.44 7.81
N ALA A 356 4.66 13.34 8.88
CA ALA A 356 3.42 14.12 8.94
C ALA A 356 3.75 15.61 8.93
N TYR A 357 2.92 16.45 8.31
CA TYR A 357 3.14 17.89 8.32
C TYR A 357 3.17 18.44 9.74
N LYS A 358 4.08 19.37 10.04
CA LYS A 358 4.08 20.03 11.34
C LYS A 358 2.98 21.09 11.22
N ILE A 359 1.99 21.10 12.15
CA ILE A 359 0.92 22.11 12.12
C ILE A 359 1.47 23.55 12.09
N GLU A 360 2.59 23.80 12.77
CA GLU A 360 3.22 25.11 12.79
C GLU A 360 3.66 25.52 11.38
N GLU A 361 4.17 24.57 10.57
CA GLU A 361 4.63 24.90 9.23
C GLU A 361 3.45 25.07 8.26
N LEU A 362 2.30 24.41 8.50
CA LEU A 362 1.12 24.60 7.65
C LEU A 362 0.53 26.02 7.75
N PHE A 363 0.82 26.73 8.85
CA PHE A 363 0.35 28.09 9.05
C PHE A 363 1.49 29.15 8.91
N TYR A 364 2.75 28.72 8.62
CA TYR A 364 3.89 29.62 8.45
C TYR A 364 3.75 30.47 7.17
N SER A 365 3.37 31.73 7.38
CA SER A 365 3.09 32.71 6.34
C SER A 365 4.23 33.65 5.99
N TYR A 366 5.46 33.31 6.40
CA TYR A 366 6.65 34.11 6.12
C TYR A 366 6.48 35.60 6.63
N ALA A 367 6.71 36.62 5.77
CA ALA A 367 6.60 38.02 6.17
C ALA A 367 5.18 38.57 6.23
N THR A 368 4.15 37.74 6.01
CA THR A 368 2.76 38.21 6.10
C THR A 368 1.95 37.38 7.11
N HIS A 369 0.77 37.88 7.51
CA HIS A 369 -0.06 37.17 8.48
C HIS A 369 -0.86 36.02 7.88
N SER A 370 -0.96 34.94 8.64
CA SER A 370 -1.76 33.78 8.27
C SER A 370 -3.27 34.12 8.43
N ASP A 371 -4.15 33.22 8.00
CA ASP A 371 -5.58 33.37 8.23
C ASP A 371 -5.87 32.92 9.68
N LYS A 372 -6.97 33.37 10.25
CA LYS A 372 -7.32 33.01 11.63
C LYS A 372 -7.95 31.60 11.68
N PHE A 373 -7.10 30.56 11.89
CA PHE A 373 -7.53 29.17 11.97
C PHE A 373 -8.48 28.91 13.12
N THR A 374 -8.34 29.66 14.23
CA THR A 374 -9.20 29.56 15.41
C THR A 374 -10.64 30.00 15.13
N ASP A 375 -10.88 30.72 14.02
CA ASP A 375 -12.22 31.14 13.64
C ASP A 375 -12.83 30.00 12.82
N GLY A 376 -14.01 29.56 13.20
CA GLY A 376 -14.72 28.49 12.52
C GLY A 376 -14.16 27.10 12.76
N VAL A 377 -14.14 26.30 11.71
CA VAL A 377 -13.68 24.92 11.82
C VAL A 377 -12.62 24.62 10.74
N CYS A 378 -11.71 23.70 11.05
CA CYS A 378 -10.69 23.26 10.14
C CYS A 378 -11.05 21.86 9.68
N LEU A 379 -10.90 21.60 8.39
CA LEU A 379 -11.22 20.31 7.81
C LEU A 379 -9.93 19.76 7.28
N PHE A 380 -9.48 18.62 7.82
CA PHE A 380 -8.28 17.91 7.39
C PHE A 380 -8.70 16.54 6.87
N TRP A 381 -9.06 16.47 5.58
CA TRP A 381 -9.49 15.22 4.99
C TRP A 381 -8.32 14.55 4.32
N ASN A 382 -7.69 13.64 5.08
CA ASN A 382 -6.48 12.93 4.68
C ASN A 382 -5.29 13.86 4.54
N CYS A 383 -5.26 14.95 5.33
CA CYS A 383 -4.11 15.88 5.36
C CYS A 383 -3.47 15.60 6.72
N ASN A 384 -2.45 14.76 6.71
CA ASN A 384 -1.82 14.22 7.90
C ASN A 384 -0.89 15.19 8.62
N VAL A 385 -1.30 15.65 9.79
CA VAL A 385 -0.50 16.58 10.58
C VAL A 385 -0.03 15.93 11.91
N ASP A 386 1.00 16.50 12.54
CA ASP A 386 1.52 15.96 13.80
C ASP A 386 0.54 16.14 15.02
N ARG A 387 -0.23 17.23 15.02
CA ARG A 387 -1.15 17.53 16.10
C ARG A 387 -2.24 18.44 15.56
N TYR A 388 -3.46 17.96 15.55
CA TYR A 388 -4.58 18.72 15.02
C TYR A 388 -5.06 19.83 15.97
N PRO A 389 -5.46 20.97 15.38
CA PRO A 389 -6.08 22.04 16.20
C PRO A 389 -7.38 21.52 16.83
N ALA A 390 -7.78 22.02 18.01
CA ALA A 390 -8.99 21.53 18.68
C ALA A 390 -10.27 21.70 17.84
N ASN A 391 -10.36 22.75 16.99
CA ASN A 391 -11.57 22.98 16.15
C ASN A 391 -11.48 22.24 14.80
N SER A 392 -11.26 20.92 14.82
CA SER A 392 -11.08 20.17 13.59
C SER A 392 -12.05 19.06 13.35
N ILE A 393 -12.25 18.77 12.06
CA ILE A 393 -12.95 17.63 11.48
C ILE A 393 -11.82 16.91 10.76
N VAL A 394 -11.53 15.65 11.13
CA VAL A 394 -10.39 14.91 10.59
C VAL A 394 -10.67 13.51 10.08
N CYS A 395 -10.13 13.18 8.92
CA CYS A 395 -10.08 11.83 8.38
C CYS A 395 -8.59 11.48 8.29
N ARG A 396 -8.16 10.45 9.02
CA ARG A 396 -6.75 10.04 9.01
C ARG A 396 -6.67 8.54 8.71
N PHE A 397 -5.94 8.16 7.67
CA PHE A 397 -5.75 6.76 7.33
C PHE A 397 -4.88 6.06 8.40
N ASP A 398 -5.35 4.94 8.93
CA ASP A 398 -4.58 4.16 9.90
C ASP A 398 -3.68 3.20 9.12
N THR A 399 -2.38 3.51 9.07
CA THR A 399 -1.38 2.74 8.35
C THR A 399 -1.24 1.30 8.86
N ARG A 400 -1.64 1.02 10.12
CA ARG A 400 -1.52 -0.33 10.66
C ARG A 400 -2.54 -1.32 10.10
N VAL A 401 -3.53 -0.86 9.31
CA VAL A 401 -4.60 -1.72 8.78
C VAL A 401 -4.10 -2.84 7.87
N LEU A 402 -4.61 -4.06 8.09
CA LEU A 402 -4.29 -5.20 7.25
C LEU A 402 -5.28 -5.27 6.08
N SER A 403 -4.79 -5.12 4.85
CA SER A 403 -5.62 -5.22 3.64
C SER A 403 -4.77 -5.40 2.37
N ASN A 404 -5.42 -5.84 1.28
CA ASN A 404 -4.82 -6.00 -0.03
C ASN A 404 -4.48 -4.64 -0.68
N LEU A 405 -5.05 -3.54 -0.20
CA LEU A 405 -4.72 -2.21 -0.72
C LEU A 405 -3.51 -1.59 0.01
N ASN A 406 -3.32 -1.95 1.27
CA ASN A 406 -2.28 -1.42 2.12
C ASN A 406 -1.05 -2.32 2.20
N LEU A 407 0.04 -1.88 1.62
CA LEU A 407 1.30 -2.62 1.61
C LEU A 407 2.24 -2.07 2.70
N PRO A 408 3.09 -2.94 3.30
CA PRO A 408 4.08 -2.46 4.28
C PRO A 408 4.97 -1.34 3.70
N GLY A 409 5.26 -0.35 4.52
CA GLY A 409 6.03 0.80 4.09
C GLY A 409 7.32 1.07 4.84
N CYS A 410 7.79 2.33 4.76
N CYS A 410 7.74 2.34 4.82
CA CYS A 410 9.04 2.79 5.32
CA CYS A 410 8.98 2.79 5.43
C CYS A 410 8.87 3.56 6.63
C CYS A 410 8.76 3.48 6.72
N ASP A 411 9.67 3.23 7.67
CA ASP A 411 9.65 3.87 8.98
C ASP A 411 8.26 3.88 9.68
N GLY A 412 7.58 2.75 9.68
CA GLY A 412 6.25 2.65 10.30
C GLY A 412 5.09 3.00 9.38
N GLY A 413 5.39 3.74 8.32
CA GLY A 413 4.39 4.14 7.34
C GLY A 413 3.96 2.99 6.46
N SER A 414 2.98 3.24 5.61
CA SER A 414 2.46 2.21 4.73
C SER A 414 2.26 2.77 3.36
N LEU A 415 2.26 1.88 2.37
CA LEU A 415 2.05 2.30 1.00
C LEU A 415 0.64 1.92 0.65
N TYR A 416 -0.27 2.90 0.62
CA TYR A 416 -1.68 2.66 0.35
C TYR A 416 -1.93 2.79 -1.13
N VAL A 417 -2.33 1.70 -1.80
CA VAL A 417 -2.50 1.71 -3.26
C VAL A 417 -3.94 1.54 -3.69
N ASN A 418 -4.54 2.62 -4.15
CA ASN A 418 -5.93 2.67 -4.57
C ASN A 418 -5.95 3.73 -5.66
N LYS A 419 -5.92 3.29 -6.94
CA LYS A 419 -5.79 4.12 -8.14
C LYS A 419 -4.35 4.66 -8.24
N HIS A 420 -3.89 5.38 -7.22
CA HIS A 420 -2.54 5.89 -7.14
C HIS A 420 -1.86 5.31 -5.89
N ALA A 421 -0.52 5.42 -5.83
CA ALA A 421 0.23 4.93 -4.68
C ALA A 421 0.50 6.07 -3.72
N PHE A 422 0.10 5.94 -2.45
CA PHE A 422 0.30 6.97 -1.45
C PHE A 422 1.06 6.42 -0.28
N HIS A 423 2.36 6.78 -0.16
CA HIS A 423 3.11 6.39 1.03
C HIS A 423 2.61 7.31 2.14
N THR A 424 2.14 6.74 3.24
CA THR A 424 1.51 7.48 4.33
C THR A 424 2.35 7.36 5.59
N PRO A 425 2.60 8.48 6.30
CA PRO A 425 3.35 8.40 7.57
C PRO A 425 2.64 7.57 8.63
N ALA A 426 3.41 6.93 9.52
CA ALA A 426 2.89 6.09 10.57
C ALA A 426 1.78 6.73 11.38
N PHE A 427 0.67 6.01 11.53
CA PHE A 427 -0.45 6.44 12.33
C PHE A 427 0.03 6.69 13.78
N ASP A 428 -0.29 7.86 14.31
CA ASP A 428 0.19 8.26 15.63
C ASP A 428 -1.01 8.76 16.41
N LYS A 429 -1.39 8.08 17.50
CA LYS A 429 -2.54 8.45 18.33
C LYS A 429 -2.44 9.82 19.00
N SER A 430 -1.21 10.26 19.29
CA SER A 430 -0.99 11.55 19.93
C SER A 430 -1.38 12.73 19.02
N ALA A 431 -1.51 12.52 17.69
CA ALA A 431 -1.96 13.59 16.78
C ALA A 431 -3.38 14.07 17.10
N PHE A 432 -4.18 13.24 17.78
CA PHE A 432 -5.58 13.51 18.07
C PHE A 432 -5.85 13.86 19.52
N VAL A 433 -4.85 14.38 20.29
CA VAL A 433 -5.09 14.70 21.70
C VAL A 433 -6.14 15.80 21.91
N ASN A 434 -6.31 16.74 20.96
CA ASN A 434 -7.32 17.80 21.12
C ASN A 434 -8.72 17.42 20.63
N LEU A 435 -8.89 16.19 20.13
CA LEU A 435 -10.14 15.78 19.52
C LEU A 435 -10.69 14.51 20.18
N LYS A 436 -11.82 14.04 19.67
CA LYS A 436 -12.40 12.78 20.09
C LYS A 436 -12.75 11.98 18.82
N GLN A 437 -12.96 10.68 18.97
CA GLN A 437 -13.40 9.83 17.87
C GLN A 437 -14.82 10.26 17.46
N LEU A 438 -15.06 10.35 16.16
CA LEU A 438 -16.36 10.75 15.68
C LEU A 438 -17.31 9.53 15.70
N PRO A 439 -18.44 9.60 16.44
CA PRO A 439 -19.36 8.46 16.45
C PRO A 439 -20.10 8.32 15.13
N PHE A 440 -20.59 7.09 14.85
CA PHE A 440 -21.41 6.89 13.66
C PHE A 440 -22.76 7.57 13.91
N PHE A 441 -23.32 8.13 12.85
CA PHE A 441 -24.65 8.68 12.86
C PHE A 441 -25.04 8.86 11.39
N TYR A 442 -26.33 8.90 11.13
CA TYR A 442 -26.83 9.20 9.79
C TYR A 442 -27.72 10.42 9.95
N TYR A 443 -27.56 11.43 9.12
CA TYR A 443 -28.38 12.63 9.22
C TYR A 443 -29.04 12.87 7.85
N SER A 444 -30.31 13.28 7.86
CA SER A 444 -31.00 13.63 6.63
C SER A 444 -32.15 14.59 6.84
N ASP A 445 -32.20 15.62 6.02
CA ASP A 445 -33.29 16.60 5.97
C ASP A 445 -34.13 16.42 4.67
N SER A 446 -33.86 15.36 3.88
CA SER A 446 -34.60 15.11 2.65
C SER A 446 -36.03 14.70 2.97
N PRO A 447 -36.99 14.95 2.04
CA PRO A 447 -38.38 14.58 2.32
C PRO A 447 -38.58 13.08 2.55
N CYS A 448 -39.59 12.73 3.36
CA CYS A 448 -39.90 11.33 3.61
C CYS A 448 -40.77 10.84 2.44
N GLU A 449 -40.15 10.50 1.33
CA GLU A 449 -40.80 10.08 0.10
C GLU A 449 -40.00 8.90 -0.49
N SER A 450 -40.68 7.75 -0.65
CA SER A 450 -40.14 6.46 -1.09
C SER A 450 -39.52 6.42 -2.51
N HIS A 451 -40.33 6.50 -3.60
CA HIS A 451 -39.87 6.40 -5.00
C HIS A 451 -39.21 5.04 -5.27
N GLY A 452 -39.96 4.10 -5.85
CA GLY A 452 -39.41 2.78 -6.14
C GLY A 452 -40.40 1.79 -6.74
N ILE A 459 -35.94 -5.73 -3.32
CA ILE A 459 -35.68 -4.85 -2.19
C ILE A 459 -36.80 -4.97 -1.15
N ASP A 460 -36.75 -5.99 -0.29
CA ASP A 460 -37.80 -6.16 0.73
C ASP A 460 -37.48 -5.36 2.02
N TYR A 461 -38.35 -5.42 3.07
CA TYR A 461 -38.17 -4.55 4.23
C TYR A 461 -38.51 -5.14 5.62
N VAL A 462 -37.75 -4.67 6.63
CA VAL A 462 -37.89 -4.91 8.07
C VAL A 462 -37.81 -3.51 8.68
N PRO A 463 -38.74 -3.12 9.58
CA PRO A 463 -38.71 -1.75 10.12
C PRO A 463 -37.42 -1.40 10.84
N LEU A 464 -36.89 -0.20 10.56
CA LEU A 464 -35.66 0.22 11.20
C LEU A 464 -35.90 0.90 12.52
N LYS A 465 -35.21 0.44 13.56
CA LYS A 465 -35.20 1.08 14.86
C LYS A 465 -33.76 1.46 15.16
N SER A 466 -33.47 2.76 15.25
CA SER A 466 -32.11 3.22 15.56
C SER A 466 -32.07 4.59 16.19
N ALA A 467 -31.30 4.71 17.28
CA ALA A 467 -31.11 6.01 17.92
C ALA A 467 -30.17 6.94 17.08
N THR A 468 -29.43 6.40 16.09
CA THR A 468 -28.51 7.20 15.29
C THR A 468 -29.04 7.57 13.89
N CYS A 469 -30.33 7.36 13.64
CA CYS A 469 -30.96 7.72 12.37
C CYS A 469 -31.59 9.08 12.67
N ILE A 470 -30.88 10.14 12.34
CA ILE A 470 -31.33 11.49 12.66
C ILE A 470 -32.15 12.08 11.51
N THR A 471 -33.45 11.81 11.56
CA THR A 471 -34.42 12.25 10.56
C THR A 471 -35.70 12.73 11.27
N ARG A 472 -36.53 13.51 10.54
CA ARG A 472 -37.83 14.01 10.97
C ARG A 472 -38.75 12.86 11.32
N CYS A 473 -38.72 11.76 10.54
CA CYS A 473 -39.56 10.58 10.75
C CYS A 473 -39.20 9.89 12.05
N ASN A 474 -37.91 9.81 12.36
CA ASN A 474 -37.47 9.21 13.64
C ASN A 474 -37.80 10.13 14.82
N LEU A 475 -37.76 11.45 14.60
CA LEU A 475 -38.16 12.41 15.62
C LEU A 475 -39.70 12.21 15.89
N GLY A 476 -40.46 12.03 14.80
CA GLY A 476 -41.88 11.78 14.84
C GLY A 476 -42.29 10.42 15.35
N GLY A 477 -41.33 9.56 15.65
CA GLY A 477 -41.59 8.25 16.24
C GLY A 477 -41.42 7.01 15.39
N ALA A 478 -41.31 7.12 14.06
CA ALA A 478 -41.22 5.93 13.19
C ALA A 478 -40.51 6.21 11.88
N VAL A 479 -39.32 5.61 11.66
CA VAL A 479 -38.52 5.82 10.46
C VAL A 479 -39.25 5.35 9.19
N CYS A 480 -39.40 6.24 8.21
CA CYS A 480 -40.00 5.92 6.90
C CYS A 480 -39.09 4.95 6.12
N ARG A 481 -39.65 4.29 5.09
CA ARG A 481 -38.91 3.32 4.29
C ARG A 481 -37.68 3.90 3.58
N HIS A 482 -37.83 5.08 2.95
CA HIS A 482 -36.75 5.77 2.25
C HIS A 482 -35.57 6.03 3.19
N HIS A 483 -35.82 6.61 4.39
CA HIS A 483 -34.74 6.94 5.30
C HIS A 483 -34.10 5.68 5.92
N ALA A 484 -34.86 4.58 6.04
CA ALA A 484 -34.33 3.30 6.51
C ALA A 484 -33.41 2.70 5.44
N ASN A 485 -33.80 2.81 4.14
CA ASN A 485 -33.00 2.30 3.02
C ASN A 485 -31.70 3.07 2.93
N GLU A 486 -31.78 4.41 3.07
CA GLU A 486 -30.66 5.33 3.01
C GLU A 486 -29.76 5.19 4.23
N TYR A 487 -30.33 4.89 5.40
CA TYR A 487 -29.56 4.72 6.62
C TYR A 487 -28.73 3.44 6.47
N ARG A 488 -29.36 2.34 6.01
CA ARG A 488 -28.64 1.07 5.84
C ARG A 488 -27.57 1.13 4.77
N LEU A 489 -27.81 1.89 3.70
CA LEU A 489 -26.80 2.08 2.66
C LEU A 489 -25.64 2.91 3.18
N TYR A 490 -25.95 3.97 3.96
CA TYR A 490 -24.93 4.84 4.55
C TYR A 490 -24.09 4.09 5.57
N LEU A 491 -24.75 3.26 6.39
CA LEU A 491 -24.06 2.43 7.38
C LEU A 491 -23.11 1.44 6.64
N ASP A 492 -23.53 0.88 5.51
CA ASP A 492 -22.69 -0.04 4.73
C ASP A 492 -21.44 0.68 4.25
N ALA A 493 -21.62 1.90 3.66
CA ALA A 493 -20.55 2.73 3.14
C ALA A 493 -19.59 3.16 4.27
N TYR A 494 -20.15 3.52 5.41
CA TYR A 494 -19.38 3.91 6.57
C TYR A 494 -18.44 2.79 7.06
N ASN A 495 -18.98 1.58 7.23
CA ASN A 495 -18.23 0.40 7.66
C ASN A 495 -17.15 0.01 6.61
N MET A 496 -17.44 0.23 5.33
CA MET A 496 -16.51 -0.06 4.25
C MET A 496 -15.26 0.84 4.41
N MET A 497 -15.49 2.13 4.65
CA MET A 497 -14.46 3.13 4.83
C MET A 497 -13.63 2.89 6.10
N ILE A 498 -14.28 2.48 7.19
CA ILE A 498 -13.58 2.23 8.45
C ILE A 498 -12.71 1.00 8.32
N SER A 499 -13.26 -0.07 7.78
CA SER A 499 -12.54 -1.32 7.59
C SER A 499 -11.39 -1.18 6.57
N ALA A 500 -11.51 -0.27 5.58
CA ALA A 500 -10.40 0.02 4.67
C ALA A 500 -9.18 0.67 5.42
N GLY A 501 -9.40 1.16 6.64
CA GLY A 501 -8.35 1.76 7.44
C GLY A 501 -8.57 3.21 7.84
N PHE A 502 -9.58 3.89 7.31
CA PHE A 502 -9.82 5.29 7.64
C PHE A 502 -10.39 5.46 9.05
N SER A 503 -9.99 6.52 9.73
CA SER A 503 -10.48 6.85 11.07
C SER A 503 -10.96 8.31 11.08
N LEU A 504 -12.04 8.57 11.80
CA LEU A 504 -12.69 9.87 11.85
C LEU A 504 -12.63 10.48 13.25
N TRP A 505 -12.27 11.75 13.30
CA TRP A 505 -12.06 12.49 14.53
C TRP A 505 -12.72 13.85 14.44
N VAL A 506 -13.18 14.38 15.58
CA VAL A 506 -13.92 15.63 15.58
C VAL A 506 -13.67 16.47 16.86
N TYR A 507 -13.97 17.79 16.77
CA TYR A 507 -13.87 18.71 17.90
C TYR A 507 -14.73 18.18 19.08
N LYS A 508 -14.24 18.31 20.32
CA LYS A 508 -14.91 17.75 21.50
C LYS A 508 -16.35 18.24 21.75
N GLN A 509 -16.72 19.45 21.27
CA GLN A 509 -18.09 19.94 21.50
C GLN A 509 -19.10 19.32 20.51
N PHE A 510 -18.66 18.50 19.53
CA PHE A 510 -19.59 17.89 18.56
C PHE A 510 -20.63 17.02 19.26
N ASP A 511 -21.90 17.25 18.95
CA ASP A 511 -22.99 16.53 19.60
C ASP A 511 -24.15 16.44 18.63
N THR A 512 -24.45 15.21 18.17
CA THR A 512 -25.57 14.96 17.26
C THR A 512 -26.94 15.36 17.84
N TYR A 513 -27.03 15.54 19.18
CA TYR A 513 -28.27 15.98 19.81
C TYR A 513 -28.71 17.35 19.25
N ASN A 514 -27.72 18.18 18.86
CA ASN A 514 -27.94 19.49 18.26
C ASN A 514 -28.53 19.43 16.84
N LEU A 515 -28.55 18.25 16.20
CA LEU A 515 -29.14 18.09 14.88
C LEU A 515 -30.66 17.92 14.89
N TRP A 516 -31.24 17.40 15.98
CA TRP A 516 -32.68 17.20 16.07
C TRP A 516 -33.50 18.49 15.86
N ASN A 517 -33.02 19.64 16.41
CA ASN A 517 -33.73 20.91 16.26
C ASN A 517 -33.65 21.52 14.85
N THR A 518 -32.94 20.87 13.89
CA THR A 518 -32.99 21.34 12.49
C THR A 518 -34.31 20.85 11.79
N PHE A 519 -35.23 20.20 12.54
CA PHE A 519 -36.55 19.73 12.13
C PHE A 519 -37.53 20.41 13.09
N THR A 520 -38.11 21.56 12.69
CA THR A 520 -39.02 22.33 13.54
C THR A 520 -40.20 22.93 12.75
ZN ZN B . 12.75 -0.07 6.99
ZN ZN C . -38.18 9.71 6.68
ZN ZN D . -5.36 -19.64 -12.78
P PO4 E . 0.70 -5.56 -10.84
O1 PO4 E . -0.37 -6.68 -10.99
O2 PO4 E . 0.24 -4.44 -9.79
O3 PO4 E . 0.84 -4.87 -12.28
O4 PO4 E . 2.08 -6.17 -10.32
P PO4 F . -30.58 11.15 1.54
O1 PO4 F . -32.02 10.83 1.03
O2 PO4 F . -30.63 12.33 2.63
O3 PO4 F . -29.87 9.88 2.20
O4 PO4 F . -29.70 11.62 0.28
N1 VZS G . -3.36 28.87 6.80
N3 VZS G . -6.10 29.24 8.96
C4 VZS G . -0.14 32.64 3.85
C5 VZS G . -0.48 34.06 3.51
C6 VZS G . -0.96 31.92 4.68
C7 VZS G . -0.67 30.59 5.00
C8 VZS G . -2.75 30.01 6.32
C10 VZS G . -5.43 27.76 7.48
O1 VZS G . -3.30 31.12 6.29
N2 VZS G . -4.54 28.79 7.53
N4 VZS G . -6.40 28.04 8.31
C9 VZS G . -4.96 29.67 8.49
N VZS G . -1.50 29.78 5.80
C1 VZS G . 0.49 30.00 4.50
O VZS G . 0.69 28.70 4.89
C VZS G . 1.92 28.07 4.56
C3 VZS G . 1.03 32.04 3.37
C2 VZS G . 1.35 30.74 3.69
#